data_5BQF
#
_entry.id   5BQF
#
_cell.length_a   65.692
_cell.length_b   65.692
_cell.length_c   151.406
_cell.angle_alpha   90.000
_cell.angle_beta   90.000
_cell.angle_gamma   90.000
#
_symmetry.space_group_name_H-M   'P 41 21 2'
#
loop_
_entity.id
_entity.type
_entity.pdbx_description
1 polymer 'NADP-dependent 2-hydroxyacid dehydrogenase'
2 non-polymer '4-(2-HYDROXYETHYL)-1-PIPERAZINE ETHANESULFONIC ACID'
3 non-polymer DI(HYDROXYETHYL)ETHER
4 non-polymer 'NADP NICOTINAMIDE-ADENINE-DINUCLEOTIDE PHOSPHATE'
5 non-polymer 'L(+)-TARTARIC ACID'
6 non-polymer 'SODIUM ION'
7 non-polymer 'CHLORIDE ION'
8 water water
#
_entity_poly.entity_id   1
_entity_poly.type   'polypeptide(L)'
_entity_poly.pdbx_seq_one_letter_code
;FQSMSVRPPVLVDIKFNPEGVDRVLKTAFADRGSINLADPANRERDFSETEYALLWKPDADLFRRAPNLKVIFSGGAGVD
HIIGMAGLPDIPIVRFVDRSLTTRMSEWVVMQCLMHLRGQYGHDSHQRRREWAKLIAPEAAEVTVGVMGLGILGQDAVAK
LKVMGFNVIGWSRTRKTIEGVETFDAGELDRFLAKTDILVGLLPLTPETTGFYDSELFKKLRRDGALGQPVFINAGRGKS
QIETDIVSAVREGTLGGASLDVFEVEPLATDSPLWELENVFITPHDAAVSEENALFRHVEMQIARFERGEPLQFVIDRAA
GY
;
_entity_poly.pdbx_strand_id   A
#
# COMPACT_ATOMS: atom_id res chain seq x y z
N VAL A 6 -14.33 -9.07 33.86
CA VAL A 6 -13.95 -9.92 32.67
C VAL A 6 -14.43 -9.26 31.37
N ARG A 7 -13.49 -8.82 30.54
CA ARG A 7 -13.83 -8.19 29.26
C ARG A 7 -14.15 -9.28 28.23
N PRO A 8 -15.10 -9.00 27.29
CA PRO A 8 -15.43 -10.02 26.28
C PRO A 8 -14.26 -10.28 25.33
N PRO A 9 -14.19 -11.49 24.75
CA PRO A 9 -13.11 -11.77 23.79
C PRO A 9 -13.30 -10.95 22.52
N VAL A 10 -12.20 -10.78 21.79
CA VAL A 10 -12.18 -10.04 20.54
CA VAL A 10 -12.21 -10.03 20.54
C VAL A 10 -12.56 -10.95 19.39
N LEU A 11 -13.40 -10.49 18.47
CA LEU A 11 -13.77 -11.29 17.31
C LEU A 11 -12.67 -11.14 16.26
N VAL A 12 -12.21 -12.25 15.70
CA VAL A 12 -11.14 -12.28 14.68
C VAL A 12 -11.67 -13.05 13.48
N ASP A 13 -11.72 -12.37 12.32
CA ASP A 13 -12.14 -12.97 11.06
C ASP A 13 -11.18 -12.44 10.02
N ILE A 14 -10.08 -13.16 9.88
CA ILE A 14 -8.99 -12.78 8.95
C ILE A 14 -8.84 -13.92 7.96
N LYS A 15 -9.23 -13.69 6.71
CA LYS A 15 -9.20 -14.75 5.68
C LYS A 15 -7.83 -14.89 4.99
N PHE A 16 -6.78 -15.05 5.77
CA PHE A 16 -5.44 -15.32 5.25
C PHE A 16 -4.65 -16.05 6.30
N ASN A 17 -3.87 -17.04 5.86
CA ASN A 17 -2.95 -17.81 6.72
C ASN A 17 -3.61 -18.35 8.00
N PRO A 18 -4.62 -19.22 7.83
CA PRO A 18 -5.42 -19.64 9.02
C PRO A 18 -4.60 -20.29 10.13
N GLU A 19 -3.64 -21.16 9.78
CA GLU A 19 -2.86 -21.85 10.80
C GLU A 19 -1.96 -20.87 11.54
N GLY A 20 -1.39 -19.89 10.82
CA GLY A 20 -0.60 -18.83 11.43
C GLY A 20 -1.40 -17.92 12.35
N VAL A 21 -2.62 -17.57 11.94
CA VAL A 21 -3.52 -16.77 12.77
C VAL A 21 -3.84 -17.52 14.07
N ASP A 22 -4.22 -18.78 13.95
CA ASP A 22 -4.50 -19.63 15.12
C ASP A 22 -3.31 -19.68 16.08
N ARG A 23 -2.11 -19.89 15.54
CA ARG A 23 -0.93 -20.03 16.39
C ARG A 23 -0.65 -18.73 17.12
N VAL A 24 -0.69 -17.63 16.38
CA VAL A 24 -0.28 -16.36 16.93
C VAL A 24 -1.35 -15.87 17.93
N LEU A 25 -2.62 -16.22 17.70
CA LEU A 25 -3.67 -15.89 18.66
C LEU A 25 -3.46 -16.51 20.04
N LYS A 26 -2.78 -17.66 20.12
CA LYS A 26 -2.53 -18.31 21.43
C LYS A 26 -1.91 -17.38 22.46
N THR A 27 -1.10 -16.41 22.03
CA THR A 27 -0.43 -15.45 22.95
C THR A 27 -0.97 -14.02 22.86
N ALA A 28 -2.06 -13.82 22.14
CA ALA A 28 -2.66 -12.50 21.95
C ALA A 28 -3.84 -12.29 22.87
N PHE A 29 -4.19 -11.02 23.08
CA PHE A 29 -5.40 -10.66 23.83
C PHE A 29 -5.49 -11.41 25.17
N ALA A 30 -4.37 -11.49 25.90
CA ALA A 30 -4.32 -12.42 27.05
C ALA A 30 -5.28 -12.12 28.19
N ASP A 31 -5.77 -10.88 28.27
CA ASP A 31 -6.76 -10.52 29.30
C ASP A 31 -8.20 -10.85 28.96
N ARG A 32 -8.46 -11.37 27.76
CA ARG A 32 -9.85 -11.62 27.34
C ARG A 32 -10.07 -12.73 26.35
N GLY A 33 -9.05 -13.09 25.57
CA GLY A 33 -9.20 -14.10 24.55
C GLY A 33 -9.76 -13.58 23.24
N SER A 34 -9.99 -14.53 22.34
CA SER A 34 -10.45 -14.23 20.98
C SER A 34 -11.47 -15.25 20.52
N ILE A 35 -12.30 -14.82 19.59
CA ILE A 35 -13.23 -15.68 18.89
C ILE A 35 -12.78 -15.77 17.44
N ASN A 36 -12.18 -16.87 17.06
CA ASN A 36 -11.69 -17.03 15.71
C ASN A 36 -12.81 -17.57 14.84
N LEU A 37 -13.30 -16.77 13.90
CA LEU A 37 -14.43 -17.18 13.06
C LEU A 37 -14.07 -18.34 12.11
N ALA A 38 -12.78 -18.64 11.95
CA ALA A 38 -12.36 -19.83 11.21
C ALA A 38 -12.65 -21.15 11.91
N ASP A 39 -12.87 -21.11 13.23
CA ASP A 39 -13.09 -22.32 14.02
C ASP A 39 -14.55 -22.75 13.86
N PRO A 40 -14.82 -23.99 13.39
CA PRO A 40 -16.21 -24.42 13.25
C PRO A 40 -17.00 -24.42 14.56
N ALA A 41 -16.29 -24.50 15.68
CA ALA A 41 -16.94 -24.41 17.00
C ALA A 41 -17.56 -23.04 17.30
N ASN A 42 -17.29 -22.05 16.45
CA ASN A 42 -17.89 -20.71 16.61
C ASN A 42 -19.02 -20.41 15.65
N ARG A 43 -19.48 -21.43 14.93
CA ARG A 43 -20.58 -21.24 13.96
C ARG A 43 -21.86 -20.70 14.63
N GLU A 44 -22.14 -21.12 15.86
CA GLU A 44 -23.34 -20.75 16.63
CA GLU A 44 -23.36 -20.65 16.56
C GLU A 44 -23.03 -19.78 17.79
N ARG A 45 -21.84 -19.19 17.79
CA ARG A 45 -21.39 -18.40 18.92
C ARG A 45 -22.22 -17.13 19.10
N ASP A 46 -22.56 -16.81 20.34
CA ASP A 46 -23.23 -15.55 20.70
C ASP A 46 -22.22 -14.39 20.66
N PHE A 47 -22.41 -13.43 19.75
CA PHE A 47 -21.56 -12.24 19.70
C PHE A 47 -22.23 -10.99 20.26
N SER A 48 -23.26 -11.15 21.08
CA SER A 48 -23.99 -9.99 21.59
C SER A 48 -23.15 -9.10 22.53
N GLU A 49 -22.17 -9.69 23.22
CA GLU A 49 -21.29 -8.92 24.11
C GLU A 49 -20.04 -8.40 23.39
N THR A 50 -19.81 -8.83 22.16
CA THR A 50 -18.56 -8.50 21.47
C THR A 50 -18.41 -7.00 21.20
N GLU A 51 -17.27 -6.46 21.62
CA GLU A 51 -16.95 -5.04 21.52
C GLU A 51 -16.06 -4.71 20.35
N TYR A 52 -15.10 -5.60 20.04
CA TYR A 52 -14.08 -5.29 19.06
C TYR A 52 -13.99 -6.43 18.07
N ALA A 53 -13.83 -6.08 16.80
CA ALA A 53 -13.71 -7.04 15.72
C ALA A 53 -12.50 -6.70 14.88
N LEU A 54 -11.68 -7.71 14.60
CA LEU A 54 -10.48 -7.61 13.78
C LEU A 54 -10.77 -8.38 12.52
N LEU A 55 -10.89 -7.65 11.39
CA LEU A 55 -11.50 -8.16 10.19
C LEU A 55 -10.63 -7.97 8.96
N TRP A 56 -10.48 -9.02 8.17
CA TRP A 56 -9.87 -8.93 6.84
C TRP A 56 -10.68 -9.82 5.92
N LYS A 57 -11.35 -9.20 4.95
CA LYS A 57 -12.35 -9.85 4.11
C LYS A 57 -13.39 -10.61 4.96
N PRO A 58 -14.08 -9.88 5.87
CA PRO A 58 -15.01 -10.55 6.78
C PRO A 58 -16.22 -11.12 6.09
N ASP A 59 -16.85 -12.08 6.75
CA ASP A 59 -18.14 -12.60 6.31
C ASP A 59 -19.14 -11.47 6.15
N ALA A 60 -19.96 -11.54 5.10
CA ALA A 60 -20.93 -10.50 4.80
C ALA A 60 -21.98 -10.29 5.90
N ASP A 61 -22.30 -11.34 6.66
CA ASP A 61 -23.33 -11.28 7.72
C ASP A 61 -22.80 -10.98 9.14
N LEU A 62 -21.51 -10.61 9.24
CA LEU A 62 -20.85 -10.46 10.53
CA LEU A 62 -20.88 -10.50 10.55
C LEU A 62 -21.49 -9.39 11.40
N PHE A 63 -21.91 -8.30 10.79
CA PHE A 63 -22.47 -7.18 11.54
C PHE A 63 -23.88 -7.48 12.05
N ARG A 64 -24.62 -8.36 11.36
CA ARG A 64 -25.89 -8.85 11.86
C ARG A 64 -25.66 -9.73 13.10
N ARG A 65 -24.62 -10.57 13.05
CA ARG A 65 -24.29 -11.45 14.18
C ARG A 65 -23.71 -10.71 15.39
N ALA A 66 -22.96 -9.64 15.13
CA ALA A 66 -22.31 -8.86 16.17
C ALA A 66 -22.78 -7.40 16.07
N PRO A 67 -24.03 -7.14 16.52
CA PRO A 67 -24.62 -5.84 16.29
C PRO A 67 -24.22 -4.75 17.28
N ASN A 68 -23.46 -5.11 18.31
CA ASN A 68 -23.09 -4.18 19.36
C ASN A 68 -21.62 -3.82 19.36
N LEU A 69 -20.94 -4.06 18.24
CA LEU A 69 -19.54 -3.70 18.13
C LEU A 69 -19.33 -2.22 18.39
N LYS A 70 -18.23 -1.91 19.07
CA LYS A 70 -17.78 -0.56 19.31
C LYS A 70 -16.70 -0.09 18.35
N VAL A 71 -15.80 -0.99 17.95
CA VAL A 71 -14.69 -0.65 17.07
C VAL A 71 -14.44 -1.82 16.11
N ILE A 72 -14.19 -1.47 14.85
CA ILE A 72 -13.67 -2.43 13.87
C ILE A 72 -12.19 -2.10 13.63
N PHE A 73 -11.36 -3.14 13.67
CA PHE A 73 -9.94 -3.01 13.34
C PHE A 73 -9.68 -3.73 12.04
N SER A 74 -9.09 -3.01 11.09
CA SER A 74 -8.67 -3.63 9.86
C SER A 74 -7.54 -4.63 10.13
N GLY A 75 -7.66 -5.79 9.51
CA GLY A 75 -6.68 -6.85 9.64
C GLY A 75 -5.58 -6.82 8.59
N GLY A 76 -5.54 -5.77 7.76
CA GLY A 76 -4.42 -5.59 6.86
C GLY A 76 -4.14 -4.12 6.73
N ALA A 77 -3.15 -3.78 5.90
CA ALA A 77 -2.68 -2.42 5.83
C ALA A 77 -3.49 -1.53 4.88
N GLY A 78 -4.51 -2.09 4.25
CA GLY A 78 -5.54 -1.29 3.57
C GLY A 78 -6.91 -1.52 4.17
N VAL A 79 -7.88 -0.69 3.80
CA VAL A 79 -9.28 -0.92 4.19
C VAL A 79 -10.19 -1.16 3.01
N ASP A 80 -9.64 -1.25 1.81
CA ASP A 80 -10.46 -1.48 0.63
C ASP A 80 -11.20 -2.83 0.64
N HIS A 81 -10.73 -3.77 1.46
CA HIS A 81 -11.36 -5.07 1.65
C HIS A 81 -12.65 -5.04 2.46
N ILE A 82 -12.91 -3.93 3.16
CA ILE A 82 -14.10 -3.79 4.01
CA ILE A 82 -14.13 -3.78 3.99
C ILE A 82 -14.95 -2.54 3.69
N ILE A 83 -14.32 -1.47 3.23
CA ILE A 83 -14.97 -0.17 3.14
C ILE A 83 -16.25 -0.14 2.31
N GLY A 84 -16.34 -0.99 1.30
CA GLY A 84 -17.50 -0.98 0.43
C GLY A 84 -18.62 -1.96 0.76
N MET A 85 -18.52 -2.71 1.85
CA MET A 85 -19.47 -3.80 2.05
CA MET A 85 -19.44 -3.81 2.12
C MET A 85 -20.78 -3.32 2.69
N ALA A 86 -21.86 -4.00 2.34
CA ALA A 86 -23.19 -3.64 2.81
C ALA A 86 -23.30 -3.84 4.31
N GLY A 87 -24.01 -2.92 4.97
CA GLY A 87 -24.26 -3.03 6.40
C GLY A 87 -23.07 -2.77 7.32
N LEU A 88 -22.05 -2.11 6.79
CA LEU A 88 -20.89 -1.75 7.59
C LEU A 88 -21.34 -0.72 8.61
N PRO A 89 -21.18 -1.01 9.93
CA PRO A 89 -21.76 -0.11 10.92
C PRO A 89 -21.06 1.24 11.02
N ASP A 90 -21.78 2.21 11.59
CA ASP A 90 -21.29 3.57 11.76
C ASP A 90 -20.54 3.67 13.08
N ILE A 91 -19.38 2.99 13.10
CA ILE A 91 -18.48 2.95 14.25
C ILE A 91 -17.06 3.15 13.73
N PRO A 92 -16.13 3.53 14.61
CA PRO A 92 -14.76 3.76 14.10
C PRO A 92 -14.15 2.52 13.47
N ILE A 93 -13.48 2.71 12.34
CA ILE A 93 -12.69 1.70 11.66
C ILE A 93 -11.26 2.15 11.75
N VAL A 94 -10.44 1.32 12.39
CA VAL A 94 -9.05 1.62 12.68
C VAL A 94 -8.12 0.90 11.74
N ARG A 95 -7.27 1.66 11.04
CA ARG A 95 -6.27 1.11 10.15
C ARG A 95 -5.20 0.38 10.94
N PHE A 96 -4.60 -0.62 10.30
CA PHE A 96 -3.39 -1.25 10.78
C PHE A 96 -2.23 -0.49 10.20
N VAL A 97 -1.40 0.05 11.09
CA VAL A 97 -0.19 0.75 10.73
C VAL A 97 0.90 0.24 11.69
N ASP A 98 2.16 0.29 11.27
CA ASP A 98 3.25 -0.25 12.08
C ASP A 98 4.60 0.30 11.62
N ARG A 99 5.44 0.67 12.56
CA ARG A 99 6.73 1.29 12.23
C ARG A 99 7.60 0.39 11.39
N SER A 100 7.64 -0.91 11.69
CA SER A 100 8.47 -1.80 10.89
C SER A 100 7.93 -1.92 9.48
N LEU A 101 6.62 -1.95 9.31
CA LEU A 101 6.05 -1.97 7.98
C LEU A 101 6.48 -0.71 7.20
N THR A 102 6.31 0.46 7.80
CA THR A 102 6.66 1.72 7.15
C THR A 102 8.10 1.75 6.68
N THR A 103 9.03 1.37 7.57
CA THR A 103 10.44 1.48 7.21
C THR A 103 10.81 0.46 6.11
N ARG A 104 10.12 -0.67 6.07
CA ARG A 104 10.32 -1.67 5.02
C ARG A 104 9.76 -1.20 3.67
N MET A 105 8.63 -0.49 3.66
CA MET A 105 8.18 0.12 2.42
C MET A 105 9.23 1.10 1.90
N SER A 106 9.83 1.90 2.76
CA SER A 106 10.82 2.84 2.29
C SER A 106 12.06 2.17 1.75
N GLU A 107 12.45 1.04 2.34
CA GLU A 107 13.56 0.25 1.78
C GLU A 107 13.25 -0.12 0.34
N TRP A 108 12.03 -0.61 0.11
CA TRP A 108 11.64 -1.05 -1.23
C TRP A 108 11.61 0.13 -2.19
N VAL A 109 10.99 1.22 -1.76
CA VAL A 109 10.87 2.38 -2.63
C VAL A 109 12.23 2.94 -3.01
N VAL A 110 13.09 3.13 -2.02
CA VAL A 110 14.41 3.68 -2.29
C VAL A 110 15.21 2.72 -3.18
N MET A 111 15.16 1.43 -2.88
CA MET A 111 15.87 0.46 -3.72
C MET A 111 15.40 0.52 -5.17
N GLN A 112 14.07 0.56 -5.40
CA GLN A 112 13.57 0.61 -6.76
C GLN A 112 13.99 1.89 -7.46
N CYS A 113 13.88 3.03 -6.77
CA CYS A 113 14.33 4.28 -7.37
C CYS A 113 15.81 4.25 -7.74
N LEU A 114 16.62 3.70 -6.85
CA LEU A 114 18.05 3.59 -7.13
C LEU A 114 18.34 2.64 -8.30
N MET A 115 17.64 1.50 -8.34
CA MET A 115 17.88 0.57 -9.45
C MET A 115 17.53 1.19 -10.81
N HIS A 116 16.48 2.02 -10.87
CA HIS A 116 16.20 2.76 -12.11
C HIS A 116 17.22 3.83 -12.39
N LEU A 117 17.61 4.57 -11.36
CA LEU A 117 18.63 5.61 -11.54
C LEU A 117 19.95 5.04 -12.07
N ARG A 118 20.35 3.90 -11.51
CA ARG A 118 21.69 3.37 -11.74
C ARG A 118 21.79 2.39 -12.90
N GLY A 119 20.67 1.97 -13.45
CA GLY A 119 20.69 1.03 -14.56
C GLY A 119 20.89 -0.41 -14.16
N GLN A 120 20.24 -0.83 -13.09
CA GLN A 120 20.33 -2.21 -12.65
C GLN A 120 19.93 -3.21 -13.72
N TYR A 121 18.91 -2.89 -14.51
CA TYR A 121 18.48 -3.80 -15.56
C TYR A 121 19.62 -4.06 -16.56
N GLY A 122 20.27 -2.98 -16.99
CA GLY A 122 21.38 -3.12 -17.94
C GLY A 122 22.57 -3.82 -17.31
N HIS A 123 22.89 -3.46 -16.08
CA HIS A 123 24.00 -4.11 -15.39
C HIS A 123 23.78 -5.62 -15.27
N ASP A 124 22.55 -6.02 -14.91
CA ASP A 124 22.22 -7.43 -14.73
C ASP A 124 22.26 -8.15 -16.07
N SER A 125 21.70 -7.54 -17.09
CA SER A 125 21.69 -8.14 -18.43
C SER A 125 23.11 -8.40 -18.93
N HIS A 126 23.98 -7.41 -18.77
CA HIS A 126 25.38 -7.57 -19.18
C HIS A 126 26.10 -8.60 -18.31
N GLN A 127 25.85 -8.57 -17.01
CA GLN A 127 26.50 -9.55 -16.12
C GLN A 127 26.19 -11.00 -16.50
N ARG A 128 24.93 -11.26 -16.82
CA ARG A 128 24.49 -12.61 -17.22
C ARG A 128 25.16 -13.08 -18.51
N ARG A 129 25.58 -12.12 -19.33
CA ARG A 129 26.27 -12.42 -20.58
C ARG A 129 27.78 -12.26 -20.50
N ARG A 130 28.32 -12.08 -19.29
CA ARG A 130 29.75 -11.90 -19.08
C ARG A 130 30.32 -10.73 -19.88
N GLU A 131 29.54 -9.63 -19.90
CA GLU A 131 29.89 -8.43 -20.63
C GLU A 131 30.24 -7.30 -19.67
N TRP A 132 31.44 -6.76 -19.83
CA TRP A 132 31.91 -5.59 -19.11
C TRP A 132 31.44 -4.36 -19.84
N ALA A 133 30.58 -3.56 -19.20
CA ALA A 133 29.88 -2.49 -19.92
C ALA A 133 29.51 -1.32 -19.01
N LYS A 134 30.43 -0.38 -18.88
CA LYS A 134 30.18 0.80 -18.03
C LYS A 134 28.93 1.54 -18.47
N LEU A 135 28.11 1.92 -17.49
CA LEU A 135 26.90 2.70 -17.74
C LEU A 135 27.04 4.10 -17.16
N ILE A 136 26.37 5.05 -17.81
CA ILE A 136 26.29 6.42 -17.36
C ILE A 136 24.99 6.56 -16.59
N ALA A 137 25.05 7.23 -15.44
CA ALA A 137 23.84 7.53 -14.69
C ALA A 137 23.96 8.91 -14.09
N PRO A 138 22.90 9.71 -14.16
CA PRO A 138 22.94 11.01 -13.51
C PRO A 138 22.91 10.81 -12.00
N GLU A 139 23.49 11.74 -11.24
CA GLU A 139 23.33 11.71 -9.78
C GLU A 139 21.86 11.92 -9.46
N ALA A 140 21.45 11.42 -8.30
CA ALA A 140 20.06 11.50 -7.87
C ALA A 140 19.50 12.91 -7.91
N ALA A 141 20.32 13.92 -7.59
CA ALA A 141 19.82 15.30 -7.56
C ALA A 141 19.30 15.80 -8.91
N GLU A 142 19.73 15.16 -9.99
CA GLU A 142 19.28 15.56 -11.32
CA GLU A 142 19.29 15.51 -11.35
C GLU A 142 17.91 14.97 -11.68
N VAL A 143 17.37 14.10 -10.82
CA VAL A 143 16.14 13.35 -11.09
C VAL A 143 15.08 13.71 -10.06
N THR A 144 13.86 13.96 -10.54
CA THR A 144 12.74 14.25 -9.65
C THR A 144 11.86 13.03 -9.47
N VAL A 145 11.76 12.63 -8.21
CA VAL A 145 10.80 11.59 -7.82
C VAL A 145 9.53 12.31 -7.34
N GLY A 146 8.40 11.93 -7.95
CA GLY A 146 7.08 12.45 -7.59
C GLY A 146 6.35 11.38 -6.82
N VAL A 147 6.14 11.62 -5.53
CA VAL A 147 5.46 10.65 -4.67
C VAL A 147 3.98 10.99 -4.60
N MET A 148 3.16 10.03 -5.02
CA MET A 148 1.71 10.16 -5.02
C MET A 148 1.17 9.43 -3.81
N GLY A 149 0.63 10.21 -2.87
CA GLY A 149 0.28 9.69 -1.55
C GLY A 149 1.32 10.15 -0.56
N LEU A 150 0.89 10.98 0.40
CA LEU A 150 1.79 11.56 1.40
C LEU A 150 1.27 11.25 2.77
N GLY A 151 0.90 9.99 2.95
CA GLY A 151 0.46 9.49 4.24
C GLY A 151 1.63 8.92 5.02
N ILE A 152 1.33 7.89 5.79
CA ILE A 152 2.37 7.27 6.60
CA ILE A 152 2.35 7.21 6.61
C ILE A 152 3.52 6.76 5.72
N LEU A 153 3.19 6.08 4.64
CA LEU A 153 4.22 5.54 3.78
C LEU A 153 4.87 6.60 2.92
N GLY A 154 4.07 7.41 2.27
CA GLY A 154 4.61 8.45 1.42
C GLY A 154 5.54 9.42 2.13
N GLN A 155 5.16 9.85 3.34
CA GLN A 155 6.04 10.77 4.07
C GLN A 155 7.40 10.16 4.40
N ASP A 156 7.40 8.89 4.78
CA ASP A 156 8.66 8.25 5.11
C ASP A 156 9.54 8.09 3.87
N ALA A 157 8.91 7.73 2.75
CA ALA A 157 9.64 7.55 1.49
C ALA A 157 10.22 8.88 1.02
N VAL A 158 9.44 9.95 1.10
CA VAL A 158 9.93 11.27 0.72
C VAL A 158 11.18 11.62 1.49
N ALA A 159 11.15 11.42 2.81
CA ALA A 159 12.28 11.84 3.63
C ALA A 159 13.57 11.10 3.27
N LYS A 160 13.44 9.81 3.04
CA LYS A 160 14.59 8.97 2.73
C LYS A 160 15.10 9.16 1.32
N LEU A 161 14.20 9.32 0.35
CA LEU A 161 14.63 9.68 -1.00
C LEU A 161 15.39 11.00 -1.01
N LYS A 162 14.96 11.98 -0.21
CA LYS A 162 15.67 13.26 -0.14
CA LYS A 162 15.67 13.26 -0.13
C LYS A 162 17.07 13.07 0.42
N VAL A 163 17.20 12.28 1.48
CA VAL A 163 18.52 12.00 2.06
C VAL A 163 19.46 11.36 1.02
N MET A 164 18.93 10.47 0.17
CA MET A 164 19.74 9.83 -0.84
C MET A 164 20.14 10.78 -1.97
N GLY A 165 19.48 11.93 -2.05
CA GLY A 165 19.87 13.03 -2.92
C GLY A 165 18.89 13.35 -4.02
N PHE A 166 17.81 12.59 -4.14
CA PHE A 166 16.82 12.88 -5.18
C PHE A 166 16.17 14.23 -4.94
N ASN A 167 15.81 14.89 -6.03
CA ASN A 167 14.81 15.95 -5.95
C ASN A 167 13.47 15.26 -5.74
N VAL A 168 12.69 15.69 -4.76
CA VAL A 168 11.42 15.02 -4.47
C VAL A 168 10.30 16.04 -4.43
N ILE A 169 9.20 15.70 -5.08
CA ILE A 169 7.94 16.47 -4.97
C ILE A 169 6.83 15.52 -4.59
N GLY A 170 5.72 16.05 -4.07
CA GLY A 170 4.63 15.23 -3.59
C GLY A 170 3.28 15.68 -4.06
N TRP A 171 2.36 14.74 -4.10
CA TRP A 171 0.98 14.96 -4.51
C TRP A 171 0.06 14.20 -3.57
N SER A 172 -0.99 14.87 -3.11
CA SER A 172 -1.99 14.23 -2.25
C SER A 172 -3.30 14.98 -2.40
N ARG A 173 -4.36 14.44 -1.82
CA ARG A 173 -5.71 14.95 -2.09
C ARG A 173 -5.82 16.39 -1.58
N THR A 174 -5.39 16.60 -0.35
CA THR A 174 -5.17 17.93 0.21
C THR A 174 -3.67 18.17 0.28
N ARG A 175 -3.21 19.37 -0.10
CA ARG A 175 -1.78 19.66 -0.04
C ARG A 175 -1.25 19.40 1.36
N LYS A 176 -0.13 18.70 1.45
CA LYS A 176 0.47 18.37 2.74
C LYS A 176 1.71 19.23 2.86
N THR A 177 1.90 19.90 4.00
CA THR A 177 3.11 20.69 4.22
C THR A 177 4.28 19.76 4.61
N ILE A 178 5.33 19.76 3.80
CA ILE A 178 6.56 19.02 4.10
C ILE A 178 7.71 19.99 3.86
N GLU A 179 8.37 20.35 4.96
CA GLU A 179 9.43 21.34 4.90
C GLU A 179 10.46 20.90 3.87
N GLY A 180 10.75 21.79 2.92
CA GLY A 180 11.75 21.52 1.91
C GLY A 180 11.37 20.69 0.70
N VAL A 181 10.08 20.36 0.56
CA VAL A 181 9.60 19.54 -0.53
C VAL A 181 8.38 20.24 -1.14
N GLU A 182 8.37 20.44 -2.45
CA GLU A 182 7.23 21.07 -3.12
C GLU A 182 6.10 20.05 -3.15
N THR A 183 4.92 20.46 -2.70
CA THR A 183 3.77 19.57 -2.62
C THR A 183 2.54 20.20 -3.25
N PHE A 184 1.75 19.34 -3.87
CA PHE A 184 0.65 19.71 -4.74
C PHE A 184 -0.65 19.07 -4.31
N ASP A 185 -1.77 19.73 -4.63
CA ASP A 185 -3.02 19.12 -4.22
CA ASP A 185 -3.14 19.37 -4.29
C ASP A 185 -3.73 18.49 -5.42
N ALA A 186 -4.88 17.87 -5.15
CA ALA A 186 -5.59 17.03 -6.13
C ALA A 186 -5.63 17.61 -7.53
N GLY A 187 -6.14 18.84 -7.62
CA GLY A 187 -6.38 19.48 -8.90
C GLY A 187 -5.11 19.81 -9.66
N GLU A 188 -3.96 19.81 -9.00
CA GLU A 188 -2.67 20.12 -9.63
C GLU A 188 -1.97 18.90 -10.19
N LEU A 189 -2.71 17.81 -10.35
CA LEU A 189 -2.15 16.57 -10.88
C LEU A 189 -1.33 16.74 -12.15
N ASP A 190 -1.86 17.45 -13.14
CA ASP A 190 -1.16 17.55 -14.43
C ASP A 190 0.18 18.27 -14.29
N ARG A 191 0.20 19.32 -13.48
CA ARG A 191 1.42 20.07 -13.23
C ARG A 191 2.47 19.22 -12.53
N PHE A 192 2.01 18.48 -11.51
CA PHE A 192 2.86 17.54 -10.79
C PHE A 192 3.45 16.48 -11.72
N LEU A 193 2.61 15.89 -12.57
CA LEU A 193 3.08 14.83 -13.48
C LEU A 193 4.16 15.36 -14.42
N ALA A 194 3.97 16.59 -14.90
CA ALA A 194 4.91 17.18 -15.85
C ALA A 194 6.30 17.45 -15.26
N LYS A 195 6.37 17.52 -13.93
CA LYS A 195 7.63 17.71 -13.21
C LYS A 195 8.28 16.40 -12.80
N THR A 196 7.62 15.28 -13.03
CA THR A 196 8.02 14.01 -12.42
C THR A 196 8.75 13.09 -13.41
N ASP A 197 9.95 12.69 -13.01
CA ASP A 197 10.73 11.68 -13.75
C ASP A 197 10.45 10.25 -13.28
N ILE A 198 10.34 10.03 -11.98
CA ILE A 198 10.00 8.71 -11.42
C ILE A 198 8.76 8.92 -10.58
N LEU A 199 7.66 8.32 -10.99
CA LEU A 199 6.41 8.36 -10.25
C LEU A 199 6.43 7.23 -9.24
N VAL A 200 6.22 7.55 -7.94
CA VAL A 200 6.11 6.56 -6.88
C VAL A 200 4.70 6.58 -6.33
N GLY A 201 4.00 5.47 -6.55
CA GLY A 201 2.59 5.34 -6.18
C GLY A 201 2.43 4.69 -4.84
N LEU A 202 1.91 5.47 -3.88
CA LEU A 202 1.60 4.99 -2.53
C LEU A 202 0.22 5.50 -2.12
N LEU A 203 -0.74 5.26 -3.01
CA LEU A 203 -2.14 5.61 -2.78
C LEU A 203 -2.94 4.40 -2.28
N PRO A 204 -3.95 4.65 -1.43
CA PRO A 204 -4.94 3.60 -1.14
C PRO A 204 -5.81 3.33 -2.36
N LEU A 205 -6.53 2.23 -2.33
CA LEU A 205 -7.55 1.95 -3.35
C LEU A 205 -8.89 2.51 -2.91
N THR A 206 -9.40 3.45 -3.70
CA THR A 206 -10.73 4.01 -3.51
C THR A 206 -11.36 4.08 -4.89
N PRO A 207 -12.66 4.43 -4.98
CA PRO A 207 -13.19 4.62 -6.33
C PRO A 207 -12.39 5.63 -7.17
N GLU A 208 -11.97 6.71 -6.54
CA GLU A 208 -11.21 7.78 -7.22
CA GLU A 208 -11.23 7.78 -7.22
C GLU A 208 -9.85 7.32 -7.72
N THR A 209 -9.25 6.32 -7.04
CA THR A 209 -7.93 5.86 -7.46
C THR A 209 -7.96 4.54 -8.22
N THR A 210 -9.15 4.06 -8.59
CA THR A 210 -9.28 2.83 -9.36
C THR A 210 -9.00 3.11 -10.83
N GLY A 211 -8.10 2.35 -11.45
CA GLY A 211 -7.77 2.57 -12.87
C GLY A 211 -7.18 3.96 -13.14
N PHE A 212 -6.50 4.51 -12.15
CA PHE A 212 -5.98 5.86 -12.14
C PHE A 212 -4.67 5.98 -12.94
N TYR A 213 -3.79 4.98 -12.81
CA TYR A 213 -2.53 4.99 -13.55
C TYR A 213 -2.75 4.32 -14.91
N ASP A 214 -3.03 5.16 -15.91
CA ASP A 214 -3.41 4.72 -17.25
C ASP A 214 -2.57 5.42 -18.33
N SER A 215 -2.85 5.09 -19.59
CA SER A 215 -2.13 5.65 -20.73
CA SER A 215 -2.10 5.64 -20.71
C SER A 215 -2.03 7.17 -20.70
N GLU A 216 -3.16 7.83 -20.47
CA GLU A 216 -3.22 9.29 -20.44
C GLU A 216 -2.30 9.84 -19.35
N LEU A 217 -2.28 9.19 -18.19
CA LEU A 217 -1.42 9.64 -17.11
C LEU A 217 0.05 9.45 -17.46
N PHE A 218 0.43 8.31 -18.02
CA PHE A 218 1.84 8.08 -18.33
C PHE A 218 2.37 9.10 -19.35
N LYS A 219 1.53 9.50 -20.30
CA LYS A 219 1.89 10.50 -21.31
C LYS A 219 2.06 11.91 -20.75
N LYS A 220 1.64 12.16 -19.51
CA LYS A 220 1.83 13.45 -18.86
C LYS A 220 3.12 13.55 -18.05
N LEU A 221 3.80 12.43 -17.81
CA LEU A 221 5.07 12.44 -17.08
C LEU A 221 6.15 13.16 -17.87
N ARG A 222 7.18 13.62 -17.17
CA ARG A 222 8.22 14.40 -17.82
C ARG A 222 8.95 13.59 -18.90
N ARG A 223 9.04 14.16 -20.10
CA ARG A 223 9.67 13.51 -21.25
C ARG A 223 11.13 13.91 -21.49
N ASP A 224 11.58 15.05 -20.97
CA ASP A 224 12.91 15.56 -21.30
C ASP A 224 13.83 15.58 -20.08
N GLY A 225 13.63 14.62 -19.18
CA GLY A 225 14.40 14.56 -17.94
C GLY A 225 15.67 13.74 -18.02
N ALA A 226 16.38 13.70 -16.90
CA ALA A 226 17.73 13.11 -16.83
C ALA A 226 17.82 11.61 -17.06
N LEU A 227 16.71 10.86 -16.88
CA LEU A 227 16.63 9.43 -17.18
C LEU A 227 16.29 9.13 -18.62
N GLY A 228 16.01 10.17 -19.41
CA GLY A 228 15.57 10.00 -20.78
C GLY A 228 14.07 9.81 -20.88
N GLN A 229 13.58 8.73 -20.28
CA GLN A 229 12.16 8.40 -20.28
C GLN A 229 11.72 8.21 -18.83
N PRO A 230 10.51 8.63 -18.49
CA PRO A 230 10.05 8.52 -17.12
C PRO A 230 9.73 7.09 -16.68
N VAL A 231 9.69 6.87 -15.38
CA VAL A 231 9.54 5.54 -14.79
C VAL A 231 8.30 5.51 -13.90
N PHE A 232 7.56 4.40 -13.90
CA PHE A 232 6.38 4.22 -13.07
C PHE A 232 6.63 3.17 -12.00
N ILE A 233 6.42 3.55 -10.75
CA ILE A 233 6.58 2.64 -9.59
C ILE A 233 5.26 2.62 -8.85
N ASN A 234 4.76 1.43 -8.52
CA ASN A 234 3.54 1.33 -7.73
C ASN A 234 3.69 0.25 -6.67
N ALA A 235 3.48 0.65 -5.42
CA ALA A 235 3.37 -0.30 -4.32
C ALA A 235 2.16 -0.02 -3.44
N GLY A 236 1.16 0.67 -3.99
CA GLY A 236 -0.08 0.94 -3.27
C GLY A 236 -1.04 -0.22 -3.48
N ARG A 237 -1.91 -0.10 -4.48
CA ARG A 237 -2.85 -1.15 -4.82
C ARG A 237 -2.84 -1.41 -6.31
N GLY A 238 -2.89 -2.69 -6.68
CA GLY A 238 -2.83 -3.05 -8.09
C GLY A 238 -4.00 -2.57 -8.93
N LYS A 239 -5.20 -2.53 -8.36
CA LYS A 239 -6.37 -2.06 -9.09
C LYS A 239 -6.34 -0.56 -9.38
N SER A 240 -5.34 0.15 -8.86
CA SER A 240 -5.12 1.53 -9.26
C SER A 240 -4.48 1.70 -10.62
N GLN A 241 -3.90 0.63 -11.19
CA GLN A 241 -3.22 0.72 -12.48
C GLN A 241 -3.95 -0.07 -13.55
N ILE A 242 -3.70 0.32 -14.80
CA ILE A 242 -4.18 -0.43 -15.96
C ILE A 242 -2.96 -1.09 -16.56
N GLU A 243 -2.79 -2.40 -16.31
CA GLU A 243 -1.56 -3.07 -16.70
C GLU A 243 -1.30 -3.12 -18.17
N THR A 244 -2.35 -3.27 -18.96
CA THR A 244 -2.15 -3.27 -20.38
C THR A 244 -1.59 -1.91 -20.86
N ASP A 245 -1.93 -0.81 -20.17
CA ASP A 245 -1.37 0.51 -20.51
C ASP A 245 0.09 0.63 -20.08
N ILE A 246 0.47 -0.01 -18.97
CA ILE A 246 1.88 -0.05 -18.59
C ILE A 246 2.67 -0.77 -19.67
N VAL A 247 2.15 -1.91 -20.13
CA VAL A 247 2.85 -2.69 -21.15
C VAL A 247 3.00 -1.87 -22.45
N SER A 248 1.92 -1.26 -22.91
CA SER A 248 1.97 -0.40 -24.09
C SER A 248 2.94 0.76 -23.92
N ALA A 249 2.91 1.40 -22.76
CA ALA A 249 3.74 2.57 -22.52
C ALA A 249 5.23 2.20 -22.54
N VAL A 250 5.58 1.07 -21.94
CA VAL A 250 6.98 0.61 -21.97
C VAL A 250 7.38 0.25 -23.40
N ARG A 251 6.54 -0.51 -24.09
CA ARG A 251 6.85 -0.88 -25.47
C ARG A 251 7.03 0.32 -26.39
N GLU A 252 6.20 1.35 -26.21
CA GLU A 252 6.22 2.55 -27.06
C GLU A 252 7.28 3.59 -26.65
N GLY A 253 7.93 3.41 -25.51
CA GLY A 253 8.93 4.34 -24.99
C GLY A 253 8.36 5.53 -24.21
N THR A 254 7.07 5.51 -23.91
CA THR A 254 6.47 6.52 -23.05
C THR A 254 7.02 6.36 -21.63
N LEU A 255 7.09 5.11 -21.16
CA LEU A 255 7.81 4.77 -19.94
C LEU A 255 9.12 4.11 -20.27
N GLY A 256 10.18 4.52 -19.58
CA GLY A 256 11.48 3.89 -19.67
C GLY A 256 11.57 2.61 -18.87
N GLY A 257 10.66 2.42 -17.92
CA GLY A 257 10.66 1.24 -17.08
C GLY A 257 9.62 1.35 -16.00
N ALA A 258 9.57 0.33 -15.14
CA ALA A 258 8.61 0.30 -14.04
C ALA A 258 9.10 -0.60 -12.94
N SER A 259 8.58 -0.36 -11.73
CA SER A 259 8.70 -1.32 -10.64
C SER A 259 7.33 -1.48 -10.02
N LEU A 260 6.90 -2.72 -9.87
CA LEU A 260 5.54 -3.00 -9.43
C LEU A 260 5.58 -4.07 -8.36
N ASP A 261 4.96 -3.79 -7.21
CA ASP A 261 4.75 -4.78 -6.16
C ASP A 261 3.33 -5.27 -6.11
N VAL A 262 2.41 -4.60 -6.81
CA VAL A 262 0.98 -4.86 -6.70
C VAL A 262 0.37 -4.91 -8.09
N PHE A 263 -0.69 -5.72 -8.25
CA PHE A 263 -1.26 -6.07 -9.57
C PHE A 263 -2.77 -6.13 -9.52
N GLU A 264 -3.37 -5.89 -10.67
CA GLU A 264 -4.83 -5.88 -10.80
C GLU A 264 -5.43 -7.19 -10.33
N VAL A 265 -4.78 -8.31 -10.69
CA VAL A 265 -5.10 -9.64 -10.19
C VAL A 265 -3.82 -10.22 -9.61
N GLU A 266 -3.90 -10.74 -8.38
CA GLU A 266 -2.79 -11.37 -7.71
C GLU A 266 -3.17 -12.82 -7.35
N PRO A 267 -2.27 -13.79 -7.52
CA PRO A 267 -0.94 -13.63 -8.11
C PRO A 267 -1.00 -13.18 -9.56
N LEU A 268 0.01 -12.43 -9.99
CA LEU A 268 0.10 -11.98 -11.38
C LEU A 268 0.09 -13.21 -12.29
N ALA A 269 -0.79 -13.18 -13.30
CA ALA A 269 -0.92 -14.29 -14.23
C ALA A 269 0.43 -14.67 -14.83
N THR A 270 0.68 -15.97 -14.95
CA THR A 270 1.91 -16.47 -15.53
C THR A 270 2.19 -15.87 -16.91
N ASP A 271 1.14 -15.68 -17.71
CA ASP A 271 1.31 -15.15 -19.07
CA ASP A 271 1.28 -15.16 -19.07
C ASP A 271 1.35 -13.63 -19.17
N SER A 272 1.37 -12.92 -18.04
CA SER A 272 1.46 -11.46 -18.12
C SER A 272 2.69 -11.02 -18.90
N PRO A 273 2.54 -10.05 -19.82
CA PRO A 273 3.74 -9.52 -20.46
C PRO A 273 4.71 -8.82 -19.51
N LEU A 274 4.24 -8.46 -18.32
CA LEU A 274 5.08 -7.68 -17.41
C LEU A 274 6.34 -8.45 -16.98
N TRP A 275 6.25 -9.77 -16.83
CA TRP A 275 7.39 -10.55 -16.33
C TRP A 275 8.67 -10.35 -17.13
N GLU A 276 8.56 -10.33 -18.46
CA GLU A 276 9.73 -10.27 -19.33
C GLU A 276 9.94 -8.91 -19.99
N LEU A 277 9.19 -7.90 -19.57
CA LEU A 277 9.31 -6.57 -20.15
C LEU A 277 10.63 -5.92 -19.71
N GLU A 278 11.30 -5.30 -20.66
CA GLU A 278 12.59 -4.67 -20.41
CA GLU A 278 12.59 -4.64 -20.44
C GLU A 278 12.46 -3.51 -19.41
N ASN A 279 13.41 -3.47 -18.47
CA ASN A 279 13.45 -2.40 -17.46
CA ASN A 279 13.49 -2.48 -17.41
C ASN A 279 12.25 -2.42 -16.52
N VAL A 280 11.62 -3.57 -16.34
CA VAL A 280 10.53 -3.71 -15.41
C VAL A 280 10.95 -4.70 -14.30
N PHE A 281 10.74 -4.27 -13.05
CA PHE A 281 11.02 -5.07 -11.86
C PHE A 281 9.68 -5.43 -11.22
N ILE A 282 9.50 -6.71 -10.97
CA ILE A 282 8.31 -7.25 -10.35
C ILE A 282 8.68 -7.83 -8.99
N THR A 283 7.96 -7.43 -7.96
CA THR A 283 7.98 -8.13 -6.68
C THR A 283 6.57 -8.62 -6.38
N PRO A 284 6.45 -9.80 -5.76
CA PRO A 284 5.16 -10.48 -5.66
C PRO A 284 4.35 -10.02 -4.43
N HIS A 285 4.05 -8.73 -4.38
CA HIS A 285 3.34 -8.15 -3.25
C HIS A 285 3.99 -8.53 -1.91
N ASP A 286 5.31 -8.30 -1.87
CA ASP A 286 6.07 -8.53 -0.67
C ASP A 286 6.89 -7.30 -0.26
N ALA A 287 6.49 -6.10 -0.70
CA ALA A 287 7.23 -4.90 -0.28
C ALA A 287 7.17 -4.68 1.22
N ALA A 288 5.99 -4.84 1.81
CA ALA A 288 5.82 -4.52 3.23
C ALA A 288 4.56 -5.16 3.76
N VAL A 289 4.60 -6.47 3.89
CA VAL A 289 3.39 -7.20 4.25
C VAL A 289 2.95 -6.95 5.70
N SER A 290 1.65 -7.07 5.94
CA SER A 290 1.14 -7.10 7.30
C SER A 290 1.42 -8.46 7.92
N GLU A 291 1.87 -8.43 9.17
CA GLU A 291 2.25 -9.62 9.91
C GLU A 291 1.41 -9.72 11.19
N GLU A 292 1.14 -10.95 11.61
CA GLU A 292 0.13 -11.22 12.64
C GLU A 292 0.49 -10.66 14.02
N ASN A 293 1.70 -10.93 14.50
CA ASN A 293 2.09 -10.36 15.81
C ASN A 293 2.03 -8.86 15.79
N ALA A 294 2.53 -8.21 14.74
CA ALA A 294 2.45 -6.75 14.67
C ALA A 294 1.01 -6.25 14.67
N LEU A 295 0.15 -6.93 13.93
CA LEU A 295 -1.27 -6.60 13.89
C LEU A 295 -1.89 -6.70 15.29
N PHE A 296 -1.67 -7.81 15.98
CA PHE A 296 -2.29 -8.02 17.27
C PHE A 296 -1.76 -7.04 18.31
N ARG A 297 -0.46 -6.73 18.28
CA ARG A 297 0.06 -5.74 19.22
C ARG A 297 -0.59 -4.38 19.00
N HIS A 298 -0.77 -4.02 17.73
CA HIS A 298 -1.43 -2.77 17.37
C HIS A 298 -2.86 -2.70 17.89
N VAL A 299 -3.60 -3.77 17.64
CA VAL A 299 -5.01 -3.81 18.09
C VAL A 299 -5.09 -3.78 19.62
N GLU A 300 -4.26 -4.58 20.28
CA GLU A 300 -4.22 -4.60 21.73
C GLU A 300 -3.96 -3.22 22.32
N MET A 301 -3.03 -2.48 21.74
CA MET A 301 -2.66 -1.13 22.16
CA MET A 301 -2.72 -1.16 22.28
C MET A 301 -3.81 -0.15 21.99
N GLN A 302 -4.47 -0.24 20.83
CA GLN A 302 -5.58 0.68 20.56
C GLN A 302 -6.76 0.38 21.50
N ILE A 303 -7.01 -0.90 21.78
CA ILE A 303 -8.01 -1.27 22.80
C ILE A 303 -7.64 -0.69 24.17
N ALA A 304 -6.37 -0.78 24.55
CA ALA A 304 -5.90 -0.23 25.85
C ALA A 304 -6.16 1.27 25.89
N ARG A 305 -5.84 1.96 24.81
CA ARG A 305 -6.16 3.39 24.74
C ARG A 305 -7.66 3.65 24.90
N PHE A 306 -8.45 2.93 24.13
CA PHE A 306 -9.92 3.13 24.10
C PHE A 306 -10.54 2.90 25.48
N GLU A 307 -10.04 1.89 26.18
CA GLU A 307 -10.54 1.55 27.51
C GLU A 307 -10.04 2.47 28.63
N ARG A 308 -9.02 3.29 28.35
CA ARG A 308 -8.72 4.46 29.19
C ARG A 308 -9.54 5.70 28.83
N GLY A 309 -10.36 5.62 27.79
CA GLY A 309 -11.07 6.78 27.29
C GLY A 309 -10.25 7.69 26.40
N GLU A 310 -9.06 7.23 25.99
CA GLU A 310 -8.21 7.99 25.03
C GLU A 310 -8.65 7.74 23.61
N PRO A 311 -8.28 8.66 22.69
CA PRO A 311 -8.72 8.45 21.32
C PRO A 311 -8.06 7.29 20.63
N LEU A 312 -8.85 6.58 19.85
CA LEU A 312 -8.30 5.66 18.88
C LEU A 312 -7.47 6.44 17.88
N GLN A 313 -6.38 5.80 17.44
CA GLN A 313 -5.50 6.37 16.43
C GLN A 313 -5.72 5.68 15.11
N PHE A 314 -5.38 6.39 14.03
CA PHE A 314 -5.39 5.83 12.67
C PHE A 314 -6.80 5.46 12.21
N VAL A 315 -7.78 6.22 12.68
CA VAL A 315 -9.18 6.00 12.32
C VAL A 315 -9.36 6.51 10.90
N ILE A 316 -9.99 5.70 10.05
CA ILE A 316 -10.22 6.12 8.67
C ILE A 316 -11.24 7.23 8.59
N ASP A 317 -11.16 7.97 7.50
CA ASP A 317 -12.12 8.98 7.12
C ASP A 317 -13.22 8.26 6.32
N ARG A 318 -14.34 7.98 6.99
CA ARG A 318 -15.36 7.13 6.40
C ARG A 318 -15.90 7.69 5.09
N ALA A 319 -16.18 9.00 5.06
CA ALA A 319 -16.67 9.65 3.85
C ALA A 319 -15.65 9.62 2.72
N ALA A 320 -14.38 9.79 3.06
CA ALA A 320 -13.31 9.77 2.05
C ALA A 320 -12.99 8.36 1.56
N GLY A 321 -13.27 7.35 2.39
CA GLY A 321 -13.09 5.95 2.03
C GLY A 321 -11.71 5.38 2.22
N TYR A 322 -10.88 6.04 3.03
CA TYR A 322 -9.54 5.55 3.38
C TYR A 322 -9.04 6.17 4.67
#